data_2R0M
#
_entry.id   2R0M
#
_cell.length_a   116.880
_cell.length_b   116.880
_cell.length_c   128.110
_cell.angle_alpha   90.00
_cell.angle_beta   90.00
_cell.angle_gamma   120.00
#
_symmetry.space_group_name_H-M   'P 64 2 2'
#
loop_
_entity.id
_entity.type
_entity.pdbx_description
1 polymer 'Glutaryl-CoA dehydrogenase'
2 non-polymer 'FLAVIN-ADENINE DINUCLEOTIDE'
3 non-polymer '4-nitrobutanoic acid'
4 water water
#
_entity_poly.entity_id   1
_entity_poly.type   'polypeptide(L)'
_entity_poly.pdbx_seq_one_letter_code
;RPEFDWQDPLVLEEQLTTDEILIRDTFRTYCQERLMPRILLANRNEVFHREIISEMGELGVLGPTIKGYGCAGVSSVAYG
LLARELERVDSGYRSAMSVQSSLVMHPIYAYGSEEQRQKYLPQLAKGELLGCFGLTEPNSGSDPSSMETRAHYNSSNKSY
TLNGTKTWITNSPMADLFVVWARCEDGCIRGFLLEKGMRGLSAPRIQGKFSLRASATGMIIMDGVEVPEENVLPGASSLG
GPFGCLNNARYGIAWGVLGASEFCLHTARQYALDRMQFGVPLARNQLIQKKLADMLTEITLGLHACLQLGRLKDQDKAAP
EMVSLLKRNNCGKALDIARQARDMLGGNGISDEYHVIRHAMNLEAVNTYDGTHDIHALILGRAITGIQAFTASK
;
_entity_poly.pdbx_strand_id   A
#
# COMPACT_ATOMS: atom_id res chain seq x y z
N GLU A 3 8.69 -26.18 -23.14
CA GLU A 3 7.40 -25.44 -23.01
C GLU A 3 7.24 -24.80 -21.64
N PHE A 4 8.33 -24.74 -20.89
CA PHE A 4 8.31 -24.14 -19.58
C PHE A 4 8.77 -22.70 -19.69
N ASP A 5 8.09 -21.82 -18.98
CA ASP A 5 8.42 -20.40 -19.00
C ASP A 5 8.71 -19.97 -17.58
N TRP A 6 9.99 -19.78 -17.25
CA TRP A 6 10.33 -19.38 -15.89
C TRP A 6 9.69 -18.04 -15.53
N GLN A 7 9.16 -17.34 -16.53
CA GLN A 7 8.55 -16.05 -16.26
C GLN A 7 7.14 -16.19 -15.75
N ASP A 8 6.46 -17.26 -16.17
CA ASP A 8 5.10 -17.50 -15.74
C ASP A 8 4.94 -19.02 -15.69
N PRO A 9 5.61 -19.65 -14.71
CA PRO A 9 5.60 -21.09 -14.48
C PRO A 9 4.26 -21.76 -14.71
N LEU A 10 3.27 -21.37 -13.91
CA LEU A 10 1.95 -21.95 -13.97
C LEU A 10 0.91 -21.28 -14.86
N VAL A 11 1.37 -20.44 -15.78
CA VAL A 11 0.47 -19.77 -16.73
C VAL A 11 -0.63 -18.94 -16.09
N LEU A 12 -0.24 -17.90 -15.38
CA LEU A 12 -1.20 -17.02 -14.74
C LEU A 12 -1.99 -16.29 -15.83
N GLU A 13 -1.34 -16.12 -16.97
CA GLU A 13 -1.93 -15.40 -18.10
C GLU A 13 -3.29 -15.95 -18.54
N GLU A 14 -3.40 -17.26 -18.69
CA GLU A 14 -4.66 -17.84 -19.12
C GLU A 14 -5.69 -17.85 -17.99
N GLN A 15 -5.51 -16.96 -17.03
CA GLN A 15 -6.43 -16.85 -15.91
C GLN A 15 -6.92 -15.41 -15.84
N LEU A 16 -6.36 -14.57 -16.70
CA LEU A 16 -6.74 -13.16 -16.75
C LEU A 16 -7.67 -12.88 -17.92
N THR A 17 -8.47 -11.82 -17.79
CA THR A 17 -9.38 -11.47 -18.86
C THR A 17 -8.67 -10.43 -19.74
N THR A 18 -9.00 -10.44 -21.03
CA THR A 18 -8.38 -9.52 -21.98
C THR A 18 -8.32 -8.07 -21.52
N ASP A 19 -9.27 -7.68 -20.66
CA ASP A 19 -9.26 -6.31 -20.15
C ASP A 19 -8.15 -6.23 -19.13
N GLU A 20 -8.23 -7.15 -18.16
CA GLU A 20 -7.23 -7.21 -17.11
C GLU A 20 -5.85 -7.20 -17.75
N ILE A 21 -5.70 -7.97 -18.83
CA ILE A 21 -4.42 -8.01 -19.52
C ILE A 21 -4.07 -6.68 -20.16
N LEU A 22 -5.01 -6.08 -20.88
CA LEU A 22 -4.75 -4.80 -21.51
C LEU A 22 -4.31 -3.81 -20.45
N ILE A 23 -5.15 -3.66 -19.43
CA ILE A 23 -4.88 -2.74 -18.34
C ILE A 23 -3.48 -2.95 -17.78
N ARG A 24 -3.14 -4.19 -17.47
CA ARG A 24 -1.82 -4.49 -16.96
C ARG A 24 -0.76 -3.89 -17.87
N ASP A 25 -0.72 -4.38 -19.10
CA ASP A 25 0.26 -3.92 -20.09
C ASP A 25 0.29 -2.40 -20.21
N THR A 26 -0.89 -1.83 -20.38
CA THR A 26 -1.01 -0.39 -20.50
C THR A 26 -0.26 0.32 -19.38
N PHE A 27 -0.55 -0.05 -18.13
CA PHE A 27 0.08 0.57 -16.98
C PHE A 27 1.58 0.28 -16.93
N ARG A 28 1.96 -0.94 -17.28
CA ARG A 28 3.38 -1.32 -17.28
C ARG A 28 4.18 -0.40 -18.18
N THR A 29 3.52 0.14 -19.20
CA THR A 29 4.15 1.04 -20.17
C THR A 29 4.33 2.42 -19.52
N TYR A 30 3.33 2.84 -18.76
CA TYR A 30 3.45 4.12 -18.09
C TYR A 30 4.56 4.01 -17.06
N CYS A 31 4.50 2.94 -16.27
CA CYS A 31 5.46 2.68 -15.21
C CYS A 31 6.90 2.59 -15.66
N GLN A 32 7.15 1.86 -16.74
CA GLN A 32 8.51 1.74 -17.25
C GLN A 32 8.97 3.03 -17.90
N GLU A 33 8.10 3.60 -18.72
CA GLU A 33 8.42 4.83 -19.43
C GLU A 33 8.46 6.11 -18.58
N ARG A 34 7.51 6.26 -17.66
CA ARG A 34 7.43 7.47 -16.84
C ARG A 34 7.94 7.37 -15.41
N LEU A 35 7.87 6.19 -14.81
CA LEU A 35 8.32 6.03 -13.43
C LEU A 35 9.77 5.59 -13.27
N MET A 36 10.15 4.46 -13.86
CA MET A 36 11.51 3.94 -13.76
C MET A 36 12.63 4.96 -13.99
N PRO A 37 12.52 5.76 -15.05
CA PRO A 37 13.58 6.75 -15.32
C PRO A 37 13.71 7.83 -14.26
N ARG A 38 12.78 7.88 -13.31
CA ARG A 38 12.82 8.90 -12.27
C ARG A 38 12.94 8.38 -10.83
N ILE A 39 13.17 7.09 -10.65
CA ILE A 39 13.26 6.54 -9.30
C ILE A 39 14.66 6.55 -8.69
N LEU A 40 15.70 6.48 -9.52
CA LEU A 40 17.05 6.46 -8.98
C LEU A 40 17.36 7.65 -8.11
N LEU A 41 16.91 8.83 -8.53
CA LEU A 41 17.15 10.06 -7.79
C LEU A 41 16.06 10.40 -6.81
N ALA A 42 14.83 10.05 -7.16
CA ALA A 42 13.68 10.31 -6.30
C ALA A 42 13.92 9.61 -4.96
N ASN A 43 14.51 8.43 -5.03
CA ASN A 43 14.83 7.64 -3.84
C ASN A 43 16.11 8.12 -3.16
N ARG A 44 17.10 8.50 -3.96
CA ARG A 44 18.36 8.96 -3.41
C ARG A 44 18.20 10.24 -2.61
N ASN A 45 17.41 11.17 -3.13
CA ASN A 45 17.20 12.46 -2.48
C ASN A 45 15.83 12.66 -1.82
N GLU A 46 15.18 11.57 -1.42
CA GLU A 46 13.86 11.63 -0.77
C GLU A 46 12.93 12.63 -1.45
N VAL A 47 12.55 12.36 -2.69
CA VAL A 47 11.68 13.28 -3.39
C VAL A 47 10.42 12.62 -3.93
N PHE A 48 9.26 13.21 -3.63
CA PHE A 48 8.01 12.68 -4.14
C PHE A 48 7.42 13.63 -5.17
N HIS A 49 7.43 13.21 -6.44
CA HIS A 49 6.90 14.02 -7.54
C HIS A 49 5.38 14.04 -7.58
N ARG A 50 4.81 14.95 -6.81
CA ARG A 50 3.38 15.14 -6.71
C ARG A 50 2.62 14.78 -7.99
N GLU A 51 3.10 15.31 -9.12
CA GLU A 51 2.49 15.10 -10.42
C GLU A 51 2.25 13.64 -10.75
N ILE A 52 3.05 12.77 -10.13
CA ILE A 52 2.93 11.34 -10.35
C ILE A 52 1.48 10.92 -10.14
N ILE A 53 0.85 11.52 -9.14
CA ILE A 53 -0.55 11.26 -8.83
C ILE A 53 -1.43 11.74 -9.98
N SER A 54 -1.17 12.95 -10.44
CA SER A 54 -1.92 13.53 -11.55
C SER A 54 -1.88 12.65 -12.78
N GLU A 55 -0.70 12.11 -13.08
CA GLU A 55 -0.54 11.24 -14.23
C GLU A 55 -1.39 9.99 -14.04
N MET A 56 -1.31 9.41 -12.85
CA MET A 56 -2.10 8.22 -12.55
C MET A 56 -3.56 8.61 -12.62
N GLY A 57 -3.83 9.90 -12.39
CA GLY A 57 -5.18 10.42 -12.43
C GLY A 57 -5.76 10.35 -13.84
N GLU A 58 -4.95 10.68 -14.84
CA GLU A 58 -5.40 10.63 -16.23
C GLU A 58 -5.65 9.20 -16.68
N LEU A 59 -4.79 8.28 -16.24
CA LEU A 59 -4.94 6.88 -16.59
C LEU A 59 -6.15 6.27 -15.91
N GLY A 60 -6.66 6.96 -14.89
CA GLY A 60 -7.81 6.47 -14.17
C GLY A 60 -7.51 5.25 -13.33
N VAL A 61 -6.29 5.20 -12.80
CA VAL A 61 -5.85 4.08 -11.99
C VAL A 61 -6.18 4.30 -10.51
N LEU A 62 -6.46 5.54 -10.11
CA LEU A 62 -6.81 5.83 -8.72
C LEU A 62 -8.25 5.37 -8.47
N GLY A 63 -8.47 4.61 -7.40
CA GLY A 63 -9.80 4.10 -7.12
C GLY A 63 -10.36 3.47 -8.36
N PRO A 64 -9.77 2.37 -8.82
CA PRO A 64 -10.20 1.67 -10.02
C PRO A 64 -11.40 0.75 -9.88
N THR A 65 -11.65 0.26 -8.67
CA THR A 65 -12.77 -0.66 -8.47
C THR A 65 -14.10 0.04 -8.18
N ILE A 66 -14.03 1.27 -7.71
CA ILE A 66 -15.25 2.02 -7.40
C ILE A 66 -16.06 2.21 -8.67
N LYS A 67 -17.37 2.04 -8.54
CA LYS A 67 -18.27 2.20 -9.67
C LYS A 67 -18.87 3.59 -9.69
N GLY A 68 -18.67 4.30 -10.81
CA GLY A 68 -19.20 5.64 -10.93
C GLY A 68 -18.26 6.68 -10.35
N TYR A 69 -18.75 7.90 -10.20
CA TYR A 69 -17.95 8.99 -9.66
C TYR A 69 -16.67 9.20 -10.45
N GLY A 70 -16.65 8.71 -11.68
CA GLY A 70 -15.48 8.87 -12.53
C GLY A 70 -14.40 7.82 -12.38
N CYS A 71 -14.71 6.75 -11.67
CA CYS A 71 -13.75 5.67 -11.46
C CYS A 71 -13.99 4.53 -12.44
N ALA A 72 -12.93 3.79 -12.76
CA ALA A 72 -13.02 2.67 -13.70
C ALA A 72 -14.05 1.60 -13.33
N GLY A 73 -14.10 1.22 -12.06
CA GLY A 73 -15.03 0.18 -11.69
C GLY A 73 -14.54 -1.13 -12.30
N VAL A 74 -13.24 -1.35 -12.20
CA VAL A 74 -12.61 -2.55 -12.73
C VAL A 74 -12.59 -3.62 -11.65
N SER A 75 -11.98 -4.76 -11.96
CA SER A 75 -11.93 -5.88 -11.03
C SER A 75 -10.81 -5.82 -10.01
N SER A 76 -11.00 -6.57 -8.92
CA SER A 76 -10.04 -6.65 -7.84
C SER A 76 -8.72 -7.20 -8.39
N VAL A 77 -8.83 -8.16 -9.28
CA VAL A 77 -7.64 -8.75 -9.88
C VAL A 77 -6.87 -7.66 -10.61
N ALA A 78 -7.58 -6.88 -11.43
CA ALA A 78 -6.96 -5.80 -12.19
C ALA A 78 -6.32 -4.81 -11.23
N TYR A 79 -6.94 -4.64 -10.07
CA TYR A 79 -6.41 -3.74 -9.06
C TYR A 79 -5.08 -4.32 -8.59
N GLY A 80 -5.08 -5.61 -8.27
CA GLY A 80 -3.87 -6.25 -7.82
C GLY A 80 -2.77 -6.17 -8.87
N LEU A 81 -3.15 -6.43 -10.13
CA LEU A 81 -2.20 -6.39 -11.22
C LEU A 81 -1.59 -5.00 -11.31
N LEU A 82 -2.42 -3.98 -11.10
CA LEU A 82 -1.97 -2.60 -11.15
C LEU A 82 -0.94 -2.30 -10.07
N ALA A 83 -1.23 -2.74 -8.85
CA ALA A 83 -0.33 -2.53 -7.72
C ALA A 83 1.00 -3.29 -7.94
N ARG A 84 0.90 -4.44 -8.60
CA ARG A 84 2.07 -5.27 -8.89
C ARG A 84 3.01 -4.57 -9.87
N GLU A 85 2.46 -3.86 -10.85
CA GLU A 85 3.31 -3.17 -11.83
C GLU A 85 3.94 -1.95 -11.20
N LEU A 86 3.17 -1.27 -10.35
CA LEU A 86 3.65 -0.09 -9.66
C LEU A 86 4.78 -0.46 -8.70
N GLU A 87 4.59 -1.52 -7.93
CA GLU A 87 5.61 -1.94 -6.98
C GLU A 87 6.84 -2.48 -7.69
N ARG A 88 6.63 -3.05 -8.88
CA ARG A 88 7.76 -3.57 -9.64
C ARG A 88 8.75 -2.42 -9.82
N VAL A 89 8.27 -1.18 -9.66
CA VAL A 89 9.11 0.00 -9.77
C VAL A 89 9.61 0.38 -8.38
N ASP A 90 8.68 0.77 -7.50
CA ASP A 90 9.04 1.13 -6.15
C ASP A 90 7.85 1.10 -5.22
N SER A 91 8.06 0.50 -4.05
CA SER A 91 7.01 0.34 -3.04
C SER A 91 6.46 1.69 -2.57
N GLY A 92 7.35 2.68 -2.46
CA GLY A 92 6.90 4.00 -2.04
C GLY A 92 5.83 4.47 -2.99
N TYR A 93 6.11 4.36 -4.29
CA TYR A 93 5.16 4.78 -5.31
C TYR A 93 3.84 4.03 -5.12
N ARG A 94 3.90 2.71 -5.11
CA ARG A 94 2.69 1.93 -4.93
C ARG A 94 1.95 2.33 -3.64
N SER A 95 2.71 2.68 -2.61
CA SER A 95 2.11 3.07 -1.35
C SER A 95 1.32 4.37 -1.46
N ALA A 96 1.79 5.30 -2.28
CA ALA A 96 1.07 6.56 -2.47
C ALA A 96 -0.27 6.19 -3.09
N MET A 97 -0.20 5.46 -4.20
CA MET A 97 -1.40 5.03 -4.91
C MET A 97 -2.37 4.25 -4.00
N SER A 98 -1.81 3.44 -3.10
CA SER A 98 -2.60 2.63 -2.17
C SER A 98 -3.41 3.48 -1.20
N VAL A 99 -2.77 4.50 -0.64
CA VAL A 99 -3.45 5.38 0.29
C VAL A 99 -4.64 6.01 -0.43
N GLN A 100 -4.33 6.70 -1.53
CA GLN A 100 -5.31 7.37 -2.35
C GLN A 100 -6.49 6.46 -2.67
N SER A 101 -6.20 5.27 -3.20
CA SER A 101 -7.23 4.31 -3.57
C SER A 101 -8.00 3.63 -2.44
N SER A 102 -7.31 2.82 -1.66
CA SER A 102 -7.95 2.09 -0.58
C SER A 102 -8.13 2.74 0.77
N LEU A 103 -7.39 3.81 1.06
CA LEU A 103 -7.54 4.40 2.37
C LEU A 103 -8.21 5.76 2.42
N VAL A 104 -8.28 6.43 1.27
CA VAL A 104 -8.91 7.74 1.24
C VAL A 104 -10.21 7.69 0.46
N MET A 105 -10.16 7.12 -0.73
CA MET A 105 -11.35 7.02 -1.57
C MET A 105 -12.35 5.98 -1.09
N HIS A 106 -11.93 4.72 -1.01
CA HIS A 106 -12.82 3.66 -0.58
C HIS A 106 -13.63 3.94 0.68
N PRO A 107 -13.01 4.54 1.71
CA PRO A 107 -13.81 4.81 2.91
C PRO A 107 -14.86 5.90 2.69
N ILE A 108 -14.52 6.91 1.89
CA ILE A 108 -15.44 7.99 1.60
C ILE A 108 -16.60 7.42 0.81
N TYR A 109 -16.27 6.60 -0.18
CA TYR A 109 -17.23 5.96 -1.05
C TYR A 109 -18.19 5.01 -0.31
N ALA A 110 -17.67 4.28 0.67
CA ALA A 110 -18.50 3.33 1.40
C ALA A 110 -18.95 3.77 2.79
N TYR A 111 -18.39 4.85 3.30
CA TYR A 111 -18.78 5.28 4.63
C TYR A 111 -19.27 6.71 4.68
N GLY A 112 -19.26 7.36 3.53
CA GLY A 112 -19.70 8.73 3.47
C GLY A 112 -21.12 8.90 3.02
N SER A 113 -21.57 10.15 3.06
CA SER A 113 -22.91 10.51 2.63
C SER A 113 -22.76 10.68 1.14
N GLU A 114 -23.87 10.81 0.42
CA GLU A 114 -23.79 10.97 -1.03
C GLU A 114 -23.12 12.30 -1.34
N GLU A 115 -23.45 13.32 -0.53
CA GLU A 115 -22.90 14.65 -0.73
C GLU A 115 -21.39 14.62 -0.63
N GLN A 116 -20.87 13.79 0.29
CA GLN A 116 -19.42 13.67 0.45
C GLN A 116 -18.82 13.04 -0.80
N ARG A 117 -19.38 11.91 -1.20
CA ARG A 117 -18.90 11.23 -2.40
C ARG A 117 -18.89 12.18 -3.59
N GLN A 118 -20.04 12.78 -3.89
CA GLN A 118 -20.16 13.71 -5.00
C GLN A 118 -19.06 14.77 -4.96
N LYS A 119 -18.88 15.36 -3.78
CA LYS A 119 -17.89 16.43 -3.58
C LYS A 119 -16.43 16.03 -3.67
N TYR A 120 -16.09 14.80 -3.27
CA TYR A 120 -14.71 14.39 -3.27
C TYR A 120 -14.22 13.35 -4.27
N LEU A 121 -14.87 12.20 -4.32
CA LEU A 121 -14.44 11.14 -5.23
C LEU A 121 -13.93 11.58 -6.61
N PRO A 122 -14.62 12.53 -7.25
CA PRO A 122 -14.17 12.98 -8.57
C PRO A 122 -12.76 13.59 -8.58
N GLN A 123 -12.49 14.53 -7.69
CA GLN A 123 -11.18 15.17 -7.66
C GLN A 123 -10.08 14.22 -7.22
N LEU A 124 -10.46 13.18 -6.49
CA LEU A 124 -9.50 12.19 -6.02
C LEU A 124 -9.10 11.32 -7.20
N ALA A 125 -10.10 10.87 -7.94
CA ALA A 125 -9.88 10.02 -9.11
C ALA A 125 -9.04 10.74 -10.16
N LYS A 126 -9.30 12.03 -10.33
CA LYS A 126 -8.56 12.82 -11.30
C LYS A 126 -7.14 13.06 -10.77
N GLY A 127 -6.99 12.93 -9.46
CA GLY A 127 -5.70 13.14 -8.85
C GLY A 127 -5.46 14.62 -8.57
N GLU A 128 -6.56 15.37 -8.41
CA GLU A 128 -6.47 16.79 -8.14
C GLU A 128 -6.40 16.97 -6.64
N LEU A 129 -6.82 15.95 -5.91
CA LEU A 129 -6.80 15.94 -4.46
C LEU A 129 -5.98 14.79 -3.93
N LEU A 130 -4.80 15.10 -3.42
CA LEU A 130 -3.90 14.10 -2.86
C LEU A 130 -4.35 13.91 -1.40
N GLY A 131 -4.72 12.70 -1.02
CA GLY A 131 -5.15 12.49 0.34
C GLY A 131 -4.29 11.55 1.18
N CYS A 132 -4.64 11.43 2.45
CA CYS A 132 -3.92 10.54 3.37
C CYS A 132 -4.82 9.95 4.47
N PHE A 133 -4.39 8.80 4.98
CA PHE A 133 -5.12 8.05 6.01
C PHE A 133 -4.41 8.18 7.36
N GLY A 134 -4.99 8.96 8.28
CA GLY A 134 -4.39 9.17 9.58
C GLY A 134 -5.00 8.39 10.73
N LEU A 135 -4.40 7.25 11.04
CA LEU A 135 -4.89 6.41 12.12
C LEU A 135 -3.81 6.24 13.19
N THR A 136 -2.63 5.79 12.78
CA THR A 136 -1.51 5.57 13.68
C THR A 136 -1.15 6.79 14.51
N GLU A 137 -0.75 6.54 15.75
CA GLU A 137 -0.34 7.60 16.66
C GLU A 137 0.98 7.22 17.31
N PRO A 138 1.69 8.19 17.90
CA PRO A 138 2.97 7.91 18.55
C PRO A 138 2.85 6.82 19.60
N ASN A 139 1.69 6.76 20.25
CA ASN A 139 1.46 5.76 21.29
C ASN A 139 0.40 4.75 20.92
N SER A 140 0.11 4.62 19.64
CA SER A 140 -0.91 3.69 19.20
C SER A 140 -0.53 3.17 17.83
N GLY A 141 -0.01 1.95 17.78
CA GLY A 141 0.40 1.38 16.50
C GLY A 141 -0.33 0.11 16.12
N SER A 142 -0.01 -0.99 16.79
CA SER A 142 -0.65 -2.28 16.54
C SER A 142 -1.99 -2.34 17.26
N ASP A 143 -2.11 -1.55 18.33
CA ASP A 143 -3.32 -1.48 19.15
C ASP A 143 -3.98 -0.10 18.99
N PRO A 144 -4.93 0.01 18.05
CA PRO A 144 -5.65 1.26 17.78
C PRO A 144 -6.63 1.64 18.88
N SER A 145 -7.09 0.65 19.63
CA SER A 145 -8.05 0.90 20.70
C SER A 145 -7.32 1.65 21.80
N SER A 146 -6.18 2.22 21.47
CA SER A 146 -5.38 2.93 22.44
C SER A 146 -5.04 4.35 21.98
N MET A 147 -5.64 4.79 20.88
CA MET A 147 -5.35 6.13 20.37
C MET A 147 -5.81 7.21 21.36
N GLU A 148 -5.20 8.39 21.25
CA GLU A 148 -5.50 9.50 22.14
C GLU A 148 -6.22 10.68 21.49
N THR A 149 -6.31 10.69 20.17
CA THR A 149 -7.00 11.78 19.49
C THR A 149 -8.47 11.72 19.90
N ARG A 150 -8.94 12.78 20.55
CA ARG A 150 -10.32 12.83 20.97
C ARG A 150 -11.05 13.88 20.14
N ALA A 151 -12.34 13.63 19.92
CA ALA A 151 -13.19 14.55 19.17
C ALA A 151 -14.36 14.97 20.06
N HIS A 152 -14.36 16.24 20.45
CA HIS A 152 -15.41 16.76 21.31
C HIS A 152 -16.49 17.44 20.46
N TYR A 153 -17.71 17.43 20.96
CA TYR A 153 -18.81 18.02 20.20
C TYR A 153 -19.33 19.36 20.68
N ASN A 154 -19.54 20.25 19.72
CA ASN A 154 -20.06 21.60 19.99
C ASN A 154 -21.54 21.61 19.63
N SER A 155 -22.39 21.37 20.62
CA SER A 155 -23.83 21.37 20.39
C SER A 155 -24.23 22.65 19.70
N SER A 156 -23.69 23.75 20.22
CA SER A 156 -23.94 25.08 19.68
C SER A 156 -23.59 25.32 18.20
N ASN A 157 -22.33 25.07 17.85
CA ASN A 157 -21.85 25.29 16.49
C ASN A 157 -22.08 24.15 15.50
N LYS A 158 -22.53 22.99 15.99
CA LYS A 158 -22.77 21.85 15.12
C LYS A 158 -21.45 21.36 14.53
N SER A 159 -20.47 21.11 15.39
CA SER A 159 -19.17 20.66 14.92
C SER A 159 -18.42 19.94 16.01
N TYR A 160 -17.26 19.38 15.66
CA TYR A 160 -16.41 18.67 16.61
C TYR A 160 -15.05 19.36 16.68
N THR A 161 -14.37 19.21 17.81
CA THR A 161 -13.04 19.78 17.96
C THR A 161 -12.07 18.63 18.21
N LEU A 162 -11.10 18.48 17.32
CA LEU A 162 -10.13 17.39 17.46
C LEU A 162 -8.78 17.81 18.01
N ASN A 163 -8.23 16.94 18.86
CA ASN A 163 -6.92 17.16 19.46
C ASN A 163 -6.19 15.84 19.40
N GLY A 164 -4.96 15.88 18.91
CA GLY A 164 -4.19 14.67 18.83
C GLY A 164 -3.08 14.75 17.80
N THR A 165 -2.25 13.74 17.81
CA THR A 165 -1.12 13.63 16.90
C THR A 165 -1.13 12.28 16.21
N LYS A 166 -1.00 12.31 14.90
CA LYS A 166 -0.93 11.08 14.14
C LYS A 166 0.48 11.13 13.59
N THR A 167 1.19 10.02 13.63
CA THR A 167 2.53 10.01 13.09
C THR A 167 2.68 8.92 12.04
N TRP A 168 3.78 8.99 11.30
CA TRP A 168 4.06 8.02 10.25
C TRP A 168 2.94 7.97 9.20
N ILE A 169 2.33 9.11 8.88
CA ILE A 169 1.23 9.15 7.92
C ILE A 169 1.68 9.43 6.49
N THR A 170 1.51 8.45 5.62
CA THR A 170 1.91 8.59 4.21
C THR A 170 1.19 9.74 3.50
N ASN A 171 1.96 10.52 2.74
CA ASN A 171 1.43 11.66 1.97
C ASN A 171 1.06 12.89 2.78
N SER A 172 0.75 12.72 4.06
CA SER A 172 0.35 13.86 4.88
C SER A 172 1.03 15.19 4.55
N PRO A 173 2.36 15.19 4.37
CA PRO A 173 3.07 16.43 4.05
C PRO A 173 2.57 17.23 2.86
N MET A 174 2.08 16.55 1.83
CA MET A 174 1.56 17.25 0.67
C MET A 174 0.18 16.71 0.34
N ALA A 175 -0.68 16.69 1.36
CA ALA A 175 -2.05 16.22 1.22
C ALA A 175 -2.99 17.41 1.24
N ASP A 176 -4.16 17.25 0.62
CA ASP A 176 -5.18 18.29 0.57
C ASP A 176 -6.37 17.86 1.43
N LEU A 177 -6.63 16.55 1.44
CA LEU A 177 -7.70 15.98 2.23
C LEU A 177 -7.13 15.00 3.25
N PHE A 178 -7.58 15.07 4.49
CA PHE A 178 -7.10 14.19 5.56
C PHE A 178 -8.24 13.37 6.14
N VAL A 179 -8.14 12.05 6.10
CA VAL A 179 -9.19 11.22 6.70
C VAL A 179 -8.65 10.78 8.06
N VAL A 180 -9.00 11.54 9.08
CA VAL A 180 -8.54 11.29 10.44
C VAL A 180 -9.57 10.53 11.26
N TRP A 181 -9.08 9.60 12.08
CA TRP A 181 -9.95 8.82 12.95
C TRP A 181 -9.66 9.22 14.39
N ALA A 182 -10.71 9.60 15.12
CA ALA A 182 -10.57 10.01 16.51
C ALA A 182 -11.63 9.33 17.36
N ARG A 183 -11.37 9.22 18.66
CA ARG A 183 -12.31 8.60 19.60
C ARG A 183 -13.27 9.67 20.13
N CYS A 184 -14.56 9.44 19.98
CA CYS A 184 -15.56 10.41 20.42
C CYS A 184 -15.99 10.25 21.86
N GLU A 185 -16.92 11.11 22.29
CA GLU A 185 -17.42 11.07 23.64
C GLU A 185 -18.31 9.86 23.88
N ASP A 186 -19.01 9.43 22.83
CA ASP A 186 -19.89 8.27 22.96
C ASP A 186 -19.06 7.02 23.24
N GLY A 187 -17.79 7.05 22.80
CA GLY A 187 -16.91 5.92 23.00
C GLY A 187 -16.46 5.36 21.65
N CYS A 188 -17.40 5.27 20.74
CA CYS A 188 -17.12 4.78 19.40
C CYS A 188 -16.15 5.74 18.70
N ILE A 189 -15.23 5.21 17.92
CA ILE A 189 -14.27 6.04 17.21
C ILE A 189 -14.86 6.30 15.83
N ARG A 190 -14.75 7.54 15.35
CA ARG A 190 -15.31 7.86 14.05
C ARG A 190 -14.27 8.45 13.12
N GLY A 191 -14.68 8.70 11.87
CA GLY A 191 -13.76 9.25 10.89
C GLY A 191 -14.11 10.67 10.46
N PHE A 192 -13.15 11.56 10.58
CA PHE A 192 -13.36 12.96 10.22
C PHE A 192 -12.57 13.34 8.98
N LEU A 193 -13.19 14.17 8.13
CA LEU A 193 -12.56 14.65 6.91
C LEU A 193 -12.00 16.04 7.15
N LEU A 194 -10.69 16.21 6.94
CA LEU A 194 -10.04 17.49 7.13
C LEU A 194 -9.40 17.98 5.84
N GLU A 195 -9.38 19.29 5.67
CA GLU A 195 -8.79 19.89 4.47
C GLU A 195 -7.62 20.78 4.90
N LYS A 196 -6.59 20.86 4.08
CA LYS A 196 -5.46 21.68 4.44
C LYS A 196 -5.94 23.12 4.52
N GLY A 197 -5.31 23.91 5.38
CA GLY A 197 -5.73 25.29 5.52
C GLY A 197 -6.55 25.46 6.78
N MET A 198 -7.09 24.36 7.29
CA MET A 198 -7.88 24.46 8.50
C MET A 198 -6.93 24.96 9.58
N ARG A 199 -7.39 25.93 10.36
CA ARG A 199 -6.60 26.49 11.43
C ARG A 199 -6.45 25.38 12.47
N GLY A 200 -5.23 25.17 12.94
CA GLY A 200 -4.98 24.14 13.94
C GLY A 200 -4.28 22.92 13.37
N LEU A 201 -4.48 22.67 12.08
CA LEU A 201 -3.90 21.52 11.41
C LEU A 201 -2.56 21.79 10.75
N SER A 202 -1.54 21.08 11.19
CA SER A 202 -0.19 21.18 10.63
C SER A 202 0.28 19.77 10.30
N ALA A 203 1.08 19.63 9.25
CA ALA A 203 1.57 18.32 8.82
C ALA A 203 3.06 18.24 8.53
N PRO A 204 3.90 18.43 9.56
CA PRO A 204 5.34 18.36 9.33
C PRO A 204 5.75 17.02 8.69
N ARG A 205 6.94 17.01 8.11
CA ARG A 205 7.49 15.86 7.43
C ARG A 205 8.53 15.16 8.31
N ILE A 206 8.68 13.85 8.13
CA ILE A 206 9.64 13.05 8.89
C ILE A 206 10.97 12.93 8.13
N GLN A 207 12.08 13.05 8.85
CA GLN A 207 13.40 12.97 8.22
C GLN A 207 14.15 11.71 8.64
N GLY A 208 15.18 11.36 7.87
CA GLY A 208 15.99 10.20 8.20
C GLY A 208 15.42 8.85 7.83
N LYS A 209 14.48 8.85 6.89
CA LYS A 209 13.90 7.59 6.46
C LYS A 209 14.92 6.82 5.64
N PHE A 210 14.97 5.51 5.85
CA PHE A 210 15.88 4.67 5.09
C PHE A 210 15.06 3.47 4.64
N SER A 211 13.86 3.80 4.18
CA SER A 211 12.87 2.87 3.64
C SER A 211 11.76 3.77 3.10
N LEU A 212 11.28 3.45 1.89
CA LEU A 212 10.24 4.22 1.23
C LEU A 212 10.56 5.71 1.14
N ARG A 213 11.79 6.00 0.70
CA ARG A 213 12.29 7.36 0.57
C ARG A 213 11.61 8.19 -0.53
N ALA A 214 11.28 7.55 -1.65
CA ALA A 214 10.64 8.25 -2.77
C ALA A 214 9.22 8.63 -2.40
N SER A 215 8.80 8.26 -1.20
CA SER A 215 7.44 8.52 -0.75
C SER A 215 7.45 9.54 0.38
N ALA A 216 6.53 10.51 0.35
CA ALA A 216 6.46 11.52 1.40
C ALA A 216 5.71 10.99 2.62
N THR A 217 6.30 11.19 3.80
CA THR A 217 5.73 10.73 5.05
C THR A 217 5.83 11.85 6.09
N GLY A 218 4.73 12.13 6.75
CA GLY A 218 4.74 13.17 7.75
C GLY A 218 3.78 12.82 8.86
N MET A 219 3.43 13.83 9.64
CA MET A 219 2.52 13.62 10.74
C MET A 219 1.28 14.47 10.56
N ILE A 220 0.35 14.34 11.48
CA ILE A 220 -0.88 15.12 11.45
C ILE A 220 -1.05 15.66 12.87
N ILE A 221 -0.78 16.94 13.05
CA ILE A 221 -0.93 17.56 14.35
C ILE A 221 -2.20 18.38 14.30
N MET A 222 -3.08 18.17 15.27
CA MET A 222 -4.36 18.88 15.33
C MET A 222 -4.50 19.60 16.66
N ASP A 223 -4.41 20.93 16.59
CA ASP A 223 -4.52 21.78 17.78
C ASP A 223 -5.87 22.43 17.88
N GLY A 224 -6.88 21.64 18.24
CA GLY A 224 -8.21 22.19 18.36
C GLY A 224 -8.69 22.55 16.97
N VAL A 225 -8.64 21.57 16.10
CA VAL A 225 -9.07 21.74 14.73
C VAL A 225 -10.58 21.52 14.67
N GLU A 226 -11.32 22.59 14.41
CA GLU A 226 -12.78 22.52 14.34
C GLU A 226 -13.29 21.99 13.00
N VAL A 227 -14.09 20.91 13.07
CA VAL A 227 -14.64 20.27 11.88
C VAL A 227 -16.15 20.33 11.86
N PRO A 228 -16.76 20.66 10.71
CA PRO A 228 -18.22 20.74 10.62
C PRO A 228 -18.84 19.34 10.68
N GLU A 229 -20.08 19.26 11.14
CA GLU A 229 -20.75 17.97 11.23
C GLU A 229 -20.75 17.27 9.88
N GLU A 230 -20.91 18.03 8.82
CA GLU A 230 -20.96 17.44 7.48
C GLU A 230 -19.64 16.84 7.01
N ASN A 231 -18.60 16.90 7.84
CA ASN A 231 -17.32 16.32 7.46
C ASN A 231 -17.07 15.01 8.21
N VAL A 232 -18.08 14.59 8.98
CA VAL A 232 -17.98 13.34 9.71
C VAL A 232 -18.44 12.23 8.81
N LEU A 233 -17.73 11.10 8.81
CA LEU A 233 -18.11 9.97 7.98
C LEU A 233 -19.29 9.27 8.66
N PRO A 234 -20.50 9.53 8.17
CA PRO A 234 -21.76 8.98 8.70
C PRO A 234 -21.91 7.47 8.63
N GLY A 235 -21.02 6.80 7.89
CA GLY A 235 -21.13 5.36 7.75
C GLY A 235 -20.19 4.46 8.53
N ALA A 236 -19.47 5.00 9.50
CA ALA A 236 -18.54 4.19 10.27
C ALA A 236 -18.54 4.62 11.73
N SER A 237 -19.27 3.88 12.56
CA SER A 237 -19.38 4.21 13.98
C SER A 237 -18.32 3.60 14.86
N SER A 238 -17.40 2.83 14.30
CA SER A 238 -16.34 2.27 15.13
C SER A 238 -15.13 1.72 14.37
N LEU A 239 -14.21 1.11 15.12
CA LEU A 239 -12.98 0.55 14.60
C LEU A 239 -13.10 -0.20 13.26
N GLY A 240 -14.33 -0.54 12.87
CA GLY A 240 -14.56 -1.25 11.62
C GLY A 240 -14.42 -0.36 10.40
N GLY A 241 -14.48 0.96 10.62
CA GLY A 241 -14.33 1.89 9.53
C GLY A 241 -12.93 1.70 8.99
N PRO A 242 -11.90 1.95 9.83
CA PRO A 242 -10.53 1.78 9.35
C PRO A 242 -10.23 0.31 9.05
N PHE A 243 -10.69 -0.59 9.91
CA PHE A 243 -10.44 -2.02 9.70
C PHE A 243 -11.08 -2.57 8.42
N GLY A 244 -12.18 -1.96 7.99
CA GLY A 244 -12.82 -2.41 6.77
C GLY A 244 -11.95 -1.98 5.60
N CYS A 245 -11.51 -0.72 5.65
CA CYS A 245 -10.65 -0.17 4.62
C CYS A 245 -9.28 -0.84 4.66
N LEU A 246 -8.72 -0.97 5.87
CA LEU A 246 -7.42 -1.59 6.05
C LEU A 246 -7.30 -2.87 5.24
N ASN A 247 -8.32 -3.71 5.30
CA ASN A 247 -8.27 -4.94 4.54
C ASN A 247 -8.15 -4.69 3.05
N ASN A 248 -8.90 -3.72 2.53
CA ASN A 248 -8.83 -3.40 1.10
C ASN A 248 -7.41 -2.97 0.71
N ALA A 249 -6.70 -2.38 1.67
CA ALA A 249 -5.33 -1.92 1.45
C ALA A 249 -4.40 -3.14 1.43
N ARG A 250 -4.57 -4.03 2.40
CA ARG A 250 -3.75 -5.23 2.48
C ARG A 250 -3.85 -6.05 1.22
N TYR A 251 -5.01 -6.03 0.60
CA TYR A 251 -5.19 -6.77 -0.64
C TYR A 251 -4.17 -6.26 -1.65
N GLY A 252 -4.19 -4.96 -1.88
CA GLY A 252 -3.25 -4.38 -2.84
C GLY A 252 -1.82 -4.69 -2.51
N ILE A 253 -1.49 -4.72 -1.22
CA ILE A 253 -0.12 -5.01 -0.79
C ILE A 253 0.29 -6.45 -1.09
N ALA A 254 -0.64 -7.40 -0.93
CA ALA A 254 -0.35 -8.81 -1.20
C ALA A 254 0.13 -8.97 -2.64
N TRP A 255 -0.51 -8.25 -3.55
CA TRP A 255 -0.15 -8.28 -4.96
C TRP A 255 1.12 -7.50 -5.19
N GLY A 256 1.15 -6.30 -4.63
CA GLY A 256 2.29 -5.41 -4.79
C GLY A 256 3.66 -6.04 -4.58
N VAL A 257 3.96 -6.41 -3.34
CA VAL A 257 5.24 -6.99 -3.03
C VAL A 257 5.69 -8.05 -4.03
N LEU A 258 4.75 -8.70 -4.71
CA LEU A 258 5.12 -9.72 -5.70
C LEU A 258 5.85 -9.13 -6.91
N GLY A 259 5.57 -7.87 -7.23
CA GLY A 259 6.23 -7.23 -8.36
C GLY A 259 7.66 -6.85 -8.01
N ALA A 260 7.85 -6.45 -6.76
CA ALA A 260 9.17 -6.08 -6.27
C ALA A 260 10.04 -7.33 -6.26
N SER A 261 9.44 -8.45 -5.90
CA SER A 261 10.18 -9.71 -5.88
C SER A 261 10.60 -10.10 -7.28
N GLU A 262 9.63 -10.08 -8.20
CA GLU A 262 9.92 -10.42 -9.57
C GLU A 262 11.01 -9.52 -10.14
N PHE A 263 10.99 -8.25 -9.77
CA PHE A 263 12.04 -7.35 -10.25
C PHE A 263 13.39 -7.78 -9.69
N CYS A 264 13.45 -8.17 -8.42
CA CYS A 264 14.72 -8.61 -7.84
C CYS A 264 15.19 -9.92 -8.50
N LEU A 265 14.24 -10.81 -8.76
CA LEU A 265 14.52 -12.08 -9.41
C LEU A 265 15.14 -11.86 -10.79
N HIS A 266 14.47 -11.05 -11.60
CA HIS A 266 14.94 -10.78 -12.95
C HIS A 266 16.29 -10.11 -12.99
N THR A 267 16.57 -9.29 -11.99
CA THR A 267 17.85 -8.61 -11.91
C THR A 267 18.96 -9.58 -11.53
N ALA A 268 18.69 -10.45 -10.58
CA ALA A 268 19.66 -11.44 -10.13
C ALA A 268 19.92 -12.43 -11.26
N ARG A 269 18.85 -12.96 -11.85
CA ARG A 269 18.99 -13.90 -12.95
C ARG A 269 19.92 -13.35 -14.02
N GLN A 270 19.64 -12.14 -14.48
CA GLN A 270 20.48 -11.53 -15.50
C GLN A 270 21.91 -11.41 -15.04
N TYR A 271 22.07 -10.77 -13.90
CA TYR A 271 23.39 -10.56 -13.35
C TYR A 271 24.17 -11.87 -13.32
N ALA A 272 23.53 -12.92 -12.84
CA ALA A 272 24.14 -14.24 -12.75
C ALA A 272 24.60 -14.79 -14.12
N LEU A 273 23.88 -14.41 -15.16
CA LEU A 273 24.23 -14.84 -16.50
C LEU A 273 25.33 -13.90 -17.02
N ASP A 274 25.16 -12.60 -16.79
CA ASP A 274 26.11 -11.58 -17.24
C ASP A 274 27.47 -11.56 -16.54
N ARG A 275 27.45 -11.67 -15.21
CA ARG A 275 28.66 -11.63 -14.41
C ARG A 275 29.41 -12.95 -14.38
N MET A 276 30.71 -12.90 -14.63
CA MET A 276 31.54 -14.09 -14.63
C MET A 276 32.61 -14.04 -13.58
N GLN A 277 32.88 -15.18 -12.97
CA GLN A 277 33.90 -15.30 -11.95
C GLN A 277 34.42 -16.72 -12.03
N PHE A 278 35.73 -16.86 -11.92
CA PHE A 278 36.36 -18.17 -11.99
C PHE A 278 36.25 -18.69 -13.43
N GLY A 279 36.16 -17.75 -14.37
CA GLY A 279 36.08 -18.13 -15.76
C GLY A 279 34.71 -18.38 -16.34
N VAL A 280 33.71 -18.62 -15.51
CA VAL A 280 32.38 -18.87 -16.00
C VAL A 280 31.37 -17.90 -15.41
N PRO A 281 30.11 -17.98 -15.89
CA PRO A 281 29.04 -17.10 -15.39
C PRO A 281 28.58 -17.62 -14.04
N LEU A 282 28.34 -16.70 -13.12
CA LEU A 282 27.91 -17.07 -11.78
C LEU A 282 26.74 -18.04 -11.83
N ALA A 283 25.83 -17.83 -12.79
CA ALA A 283 24.65 -18.68 -12.93
C ALA A 283 24.95 -20.16 -13.11
N ARG A 284 26.22 -20.50 -13.27
CA ARG A 284 26.63 -21.89 -13.47
C ARG A 284 26.87 -22.65 -12.15
N ASN A 285 26.81 -21.93 -11.04
CA ASN A 285 27.05 -22.58 -9.75
C ASN A 285 25.76 -23.04 -9.04
N GLN A 286 25.83 -24.21 -8.42
CA GLN A 286 24.70 -24.77 -7.72
C GLN A 286 24.17 -23.83 -6.65
N LEU A 287 25.07 -23.25 -5.88
CA LEU A 287 24.68 -22.34 -4.80
C LEU A 287 23.86 -21.16 -5.31
N ILE A 288 24.13 -20.76 -6.55
CA ILE A 288 23.42 -19.65 -7.16
C ILE A 288 22.05 -20.10 -7.69
N GLN A 289 22.02 -21.29 -8.29
CA GLN A 289 20.80 -21.81 -8.85
C GLN A 289 19.73 -22.11 -7.81
N LYS A 290 20.11 -22.64 -6.66
CA LYS A 290 19.11 -22.94 -5.63
C LYS A 290 18.41 -21.66 -5.17
N LYS A 291 19.18 -20.59 -5.07
CA LYS A 291 18.60 -19.33 -4.63
C LYS A 291 17.54 -18.90 -5.64
N LEU A 292 17.89 -18.98 -6.93
CA LEU A 292 16.94 -18.60 -7.96
C LEU A 292 15.75 -19.55 -7.91
N ALA A 293 16.01 -20.81 -7.64
CA ALA A 293 14.94 -21.79 -7.56
C ALA A 293 13.93 -21.36 -6.50
N ASP A 294 14.42 -21.05 -5.31
CA ASP A 294 13.55 -20.65 -4.21
C ASP A 294 12.81 -19.33 -4.44
N MET A 295 13.47 -18.36 -5.07
CA MET A 295 12.82 -17.08 -5.31
C MET A 295 11.59 -17.30 -6.17
N LEU A 296 11.80 -17.96 -7.31
CA LEU A 296 10.73 -18.24 -8.24
C LEU A 296 9.57 -19.03 -7.63
N THR A 297 9.91 -20.00 -6.81
CA THR A 297 8.91 -20.83 -6.18
C THR A 297 7.98 -20.06 -5.29
N GLU A 298 8.52 -19.19 -4.44
CA GLU A 298 7.66 -18.44 -3.54
C GLU A 298 6.82 -17.42 -4.30
N ILE A 299 7.40 -16.79 -5.33
CA ILE A 299 6.67 -15.81 -6.11
C ILE A 299 5.44 -16.47 -6.73
N THR A 300 5.67 -17.57 -7.43
CA THR A 300 4.60 -18.31 -8.08
C THR A 300 3.48 -18.66 -7.10
N LEU A 301 3.83 -19.29 -5.99
CA LEU A 301 2.84 -19.68 -4.99
C LEU A 301 1.98 -18.48 -4.59
N GLY A 302 2.64 -17.36 -4.34
CA GLY A 302 1.92 -16.16 -3.94
C GLY A 302 0.98 -15.68 -5.02
N LEU A 303 1.51 -15.52 -6.23
CA LEU A 303 0.70 -15.06 -7.36
C LEU A 303 -0.65 -15.77 -7.48
N HIS A 304 -0.61 -17.07 -7.67
CA HIS A 304 -1.83 -17.84 -7.82
C HIS A 304 -2.75 -17.74 -6.62
N ALA A 305 -2.18 -17.51 -5.44
CA ALA A 305 -3.01 -17.36 -4.25
C ALA A 305 -3.72 -16.03 -4.44
N CYS A 306 -2.93 -15.00 -4.72
CA CYS A 306 -3.51 -13.67 -4.92
C CYS A 306 -4.60 -13.67 -5.97
N LEU A 307 -4.35 -14.35 -7.09
CA LEU A 307 -5.35 -14.44 -8.14
C LEU A 307 -6.67 -14.92 -7.55
N GLN A 308 -6.61 -16.09 -6.92
CA GLN A 308 -7.76 -16.70 -6.30
C GLN A 308 -8.51 -15.72 -5.41
N LEU A 309 -7.79 -15.11 -4.48
CA LEU A 309 -8.43 -14.17 -3.58
C LEU A 309 -9.10 -13.06 -4.39
N GLY A 310 -8.41 -12.57 -5.42
CA GLY A 310 -8.99 -11.53 -6.24
C GLY A 310 -10.38 -11.92 -6.71
N ARG A 311 -10.51 -13.15 -7.16
CA ARG A 311 -11.79 -13.64 -7.63
C ARG A 311 -12.82 -13.67 -6.49
N LEU A 312 -12.50 -14.33 -5.39
CA LEU A 312 -13.40 -14.42 -4.24
C LEU A 312 -13.84 -13.06 -3.77
N LYS A 313 -12.95 -12.08 -3.93
CA LYS A 313 -13.27 -10.74 -3.50
C LYS A 313 -14.45 -10.20 -4.29
N ASP A 314 -14.34 -10.24 -5.61
CA ASP A 314 -15.38 -9.75 -6.50
C ASP A 314 -16.70 -10.47 -6.30
N GLN A 315 -16.66 -11.62 -5.64
CA GLN A 315 -17.86 -12.41 -5.38
C GLN A 315 -18.35 -12.11 -3.99
N ASP A 316 -17.65 -11.19 -3.32
CA ASP A 316 -17.97 -10.81 -1.95
C ASP A 316 -17.83 -11.99 -1.02
N LYS A 317 -16.80 -12.79 -1.27
CA LYS A 317 -16.55 -13.96 -0.46
C LYS A 317 -15.15 -13.94 0.10
N ALA A 318 -14.60 -12.74 0.24
CA ALA A 318 -13.26 -12.59 0.80
C ALA A 318 -13.43 -12.21 2.28
N ALA A 319 -12.66 -12.87 3.14
CA ALA A 319 -12.72 -12.60 4.57
C ALA A 319 -11.42 -11.94 5.01
N PRO A 320 -11.49 -11.10 6.03
CA PRO A 320 -10.31 -10.39 6.54
C PRO A 320 -9.08 -11.27 6.73
N GLU A 321 -9.30 -12.45 7.30
CA GLU A 321 -8.22 -13.37 7.56
C GLU A 321 -7.54 -13.86 6.30
N MET A 322 -8.31 -14.03 5.22
CA MET A 322 -7.74 -14.48 3.96
C MET A 322 -6.68 -13.49 3.54
N VAL A 323 -7.03 -12.21 3.64
CA VAL A 323 -6.13 -11.11 3.29
C VAL A 323 -4.93 -11.07 4.23
N SER A 324 -5.17 -11.23 5.53
CA SER A 324 -4.06 -11.23 6.48
C SER A 324 -3.11 -12.32 6.03
N LEU A 325 -3.65 -13.47 5.66
CA LEU A 325 -2.81 -14.58 5.25
C LEU A 325 -1.89 -14.24 4.09
N LEU A 326 -2.41 -13.69 3.02
CA LEU A 326 -1.54 -13.36 1.89
C LEU A 326 -0.62 -12.18 2.14
N LYS A 327 -1.11 -11.16 2.82
CA LYS A 327 -0.29 -10.00 3.11
C LYS A 327 0.89 -10.43 3.99
N ARG A 328 0.57 -11.17 5.05
CA ARG A 328 1.61 -11.65 5.96
C ARG A 328 2.61 -12.49 5.21
N ASN A 329 2.11 -13.48 4.48
CA ASN A 329 2.97 -14.37 3.72
C ASN A 329 3.80 -13.64 2.67
N ASN A 330 3.13 -12.98 1.74
CA ASN A 330 3.86 -12.29 0.67
C ASN A 330 4.88 -11.26 1.11
N CYS A 331 4.61 -10.53 2.19
CA CYS A 331 5.56 -9.52 2.63
C CYS A 331 6.84 -10.13 3.20
N GLY A 332 6.71 -11.28 3.85
CA GLY A 332 7.87 -11.93 4.42
C GLY A 332 8.74 -12.54 3.34
N LYS A 333 8.10 -13.28 2.44
CA LYS A 333 8.83 -13.92 1.35
C LYS A 333 9.52 -12.88 0.48
N ALA A 334 8.84 -11.77 0.20
CA ALA A 334 9.40 -10.71 -0.63
C ALA A 334 10.59 -10.05 0.06
N LEU A 335 10.68 -10.18 1.37
CA LEU A 335 11.80 -9.60 2.07
C LEU A 335 13.00 -10.50 1.88
N ASP A 336 12.81 -11.81 2.03
CA ASP A 336 13.92 -12.74 1.87
C ASP A 336 14.49 -12.63 0.45
N ILE A 337 13.59 -12.68 -0.52
CA ILE A 337 13.93 -12.60 -1.94
C ILE A 337 14.79 -11.37 -2.23
N ALA A 338 14.43 -10.22 -1.66
CA ALA A 338 15.19 -9.00 -1.86
C ALA A 338 16.60 -9.18 -1.33
N ARG A 339 16.69 -9.50 -0.05
CA ARG A 339 17.96 -9.72 0.64
C ARG A 339 18.84 -10.75 -0.03
N GLN A 340 18.22 -11.78 -0.63
CA GLN A 340 18.95 -12.82 -1.34
C GLN A 340 19.52 -12.20 -2.61
N ALA A 341 18.65 -11.50 -3.33
CA ALA A 341 19.03 -10.85 -4.56
C ALA A 341 20.22 -9.93 -4.27
N ARG A 342 20.12 -9.19 -3.18
CA ARG A 342 21.17 -8.27 -2.80
C ARG A 342 22.49 -9.00 -2.58
N ASP A 343 22.42 -10.18 -1.98
CA ASP A 343 23.64 -10.93 -1.73
C ASP A 343 24.28 -11.36 -3.05
N MET A 344 23.46 -11.88 -3.95
CA MET A 344 23.95 -12.35 -5.24
C MET A 344 24.65 -11.33 -6.14
N LEU A 345 24.40 -10.05 -5.92
CA LEU A 345 25.06 -9.03 -6.73
C LEU A 345 26.34 -8.53 -6.07
N GLY A 346 26.76 -9.21 -5.01
CA GLY A 346 27.97 -8.84 -4.28
C GLY A 346 28.10 -7.38 -3.91
N GLY A 347 29.27 -6.82 -4.17
CA GLY A 347 29.53 -5.43 -3.86
C GLY A 347 28.54 -4.51 -4.54
N ASN A 348 28.32 -4.72 -5.82
CA ASN A 348 27.40 -3.89 -6.59
C ASN A 348 26.06 -3.83 -5.91
N GLY A 349 25.68 -4.95 -5.31
CA GLY A 349 24.41 -5.05 -4.62
C GLY A 349 24.14 -3.96 -3.60
N ILE A 350 25.18 -3.31 -3.09
CA ILE A 350 24.95 -2.27 -2.09
C ILE A 350 24.80 -0.89 -2.74
N SER A 351 24.75 -0.86 -4.07
CA SER A 351 24.57 0.39 -4.80
C SER A 351 23.15 0.52 -5.32
N ASP A 352 22.53 1.66 -5.04
CA ASP A 352 21.16 1.89 -5.47
C ASP A 352 21.03 1.89 -6.98
N GLU A 353 22.18 2.02 -7.65
CA GLU A 353 22.20 2.01 -9.10
C GLU A 353 21.85 0.63 -9.62
N TYR A 354 21.86 -0.35 -8.73
CA TYR A 354 21.52 -1.72 -9.08
C TYR A 354 20.15 -2.05 -8.52
N HIS A 355 19.52 -1.02 -7.96
CA HIS A 355 18.17 -1.11 -7.43
C HIS A 355 17.76 -2.10 -6.35
N VAL A 356 18.32 -3.30 -6.38
CA VAL A 356 17.92 -4.30 -5.40
C VAL A 356 17.94 -3.77 -3.96
N ILE A 357 18.99 -3.04 -3.61
CA ILE A 357 19.14 -2.48 -2.27
C ILE A 357 17.91 -1.63 -1.91
N ARG A 358 17.39 -0.90 -2.89
CA ARG A 358 16.23 -0.06 -2.68
C ARG A 358 15.03 -0.91 -2.30
N HIS A 359 14.88 -2.05 -2.96
CA HIS A 359 13.78 -2.93 -2.67
C HIS A 359 13.87 -3.58 -1.30
N ALA A 360 15.05 -4.06 -0.95
CA ALA A 360 15.23 -4.68 0.35
C ALA A 360 14.77 -3.64 1.37
N MET A 361 15.31 -2.44 1.28
CA MET A 361 14.95 -1.36 2.19
C MET A 361 13.45 -1.06 2.24
N ASN A 362 12.84 -0.91 1.07
CA ASN A 362 11.42 -0.59 1.00
C ASN A 362 10.51 -1.64 1.65
N LEU A 363 10.76 -2.91 1.34
CA LEU A 363 9.93 -4.00 1.87
C LEU A 363 10.09 -4.18 3.38
N GLU A 364 11.00 -3.40 3.95
CA GLU A 364 11.26 -3.44 5.38
C GLU A 364 10.07 -2.78 6.07
N ALA A 365 9.56 -1.70 5.45
CA ALA A 365 8.40 -0.98 5.97
C ALA A 365 7.09 -1.71 5.59
N VAL A 366 7.04 -2.25 4.39
CA VAL A 366 5.85 -2.94 3.92
C VAL A 366 5.50 -4.10 4.85
N ASN A 367 6.51 -4.80 5.35
CA ASN A 367 6.23 -5.90 6.23
C ASN A 367 5.90 -5.43 7.65
N THR A 368 6.08 -4.13 7.87
CA THR A 368 5.81 -3.53 9.18
C THR A 368 4.47 -2.81 9.24
N TYR A 369 4.12 -2.11 8.17
CA TYR A 369 2.87 -1.37 8.18
C TYR A 369 1.65 -2.15 7.70
N ASP A 370 0.48 -1.68 8.13
CA ASP A 370 -0.79 -2.29 7.79
C ASP A 370 -0.88 -3.67 8.44
N GLY A 371 -0.32 -3.77 9.65
CA GLY A 371 -0.33 -5.03 10.38
C GLY A 371 1.02 -5.75 10.36
N THR A 372 1.83 -5.60 11.41
CA THR A 372 3.13 -6.27 11.44
C THR A 372 2.99 -7.75 11.14
N HIS A 373 4.11 -8.38 10.83
CA HIS A 373 4.15 -9.79 10.51
C HIS A 373 3.57 -10.68 11.63
N ASP A 374 4.06 -10.49 12.86
CA ASP A 374 3.58 -11.29 13.98
C ASP A 374 2.13 -11.00 14.28
N ILE A 375 1.69 -9.77 14.10
CA ILE A 375 0.29 -9.43 14.37
C ILE A 375 -0.64 -10.28 13.50
N HIS A 376 -0.38 -10.27 12.20
CA HIS A 376 -1.20 -11.04 11.27
C HIS A 376 -1.17 -12.51 11.63
N ALA A 377 -0.13 -12.91 12.32
CA ALA A 377 0.00 -14.28 12.74
C ALA A 377 -1.04 -14.54 13.83
N LEU A 378 -1.14 -13.61 14.76
CA LEU A 378 -2.09 -13.75 15.87
C LEU A 378 -3.52 -13.68 15.36
N ILE A 379 -3.75 -12.90 14.31
CA ILE A 379 -5.09 -12.76 13.74
C ILE A 379 -5.53 -14.13 13.23
N LEU A 380 -4.62 -14.77 12.50
CA LEU A 380 -4.82 -16.09 11.94
C LEU A 380 -5.01 -17.13 13.05
N GLY A 381 -4.26 -16.98 14.12
CA GLY A 381 -4.35 -17.93 15.22
C GLY A 381 -5.65 -17.82 15.96
N ARG A 382 -6.18 -16.61 16.05
CA ARG A 382 -7.46 -16.37 16.72
C ARG A 382 -8.52 -17.08 15.90
N ALA A 383 -8.47 -16.89 14.58
CA ALA A 383 -9.42 -17.47 13.67
C ALA A 383 -9.34 -18.99 13.59
N ILE A 384 -8.18 -19.54 13.92
CA ILE A 384 -7.98 -20.99 13.87
C ILE A 384 -8.28 -21.72 15.17
N THR A 385 -7.87 -21.14 16.29
CA THR A 385 -8.11 -21.77 17.58
C THR A 385 -9.35 -21.21 18.26
N GLY A 386 -9.70 -19.98 17.94
CA GLY A 386 -10.85 -19.35 18.56
C GLY A 386 -10.48 -18.65 19.86
N ILE A 387 -9.19 -18.65 20.18
CA ILE A 387 -8.69 -18.02 21.40
C ILE A 387 -7.84 -16.81 21.02
N GLN A 388 -8.09 -15.70 21.73
CA GLN A 388 -7.37 -14.47 21.51
C GLN A 388 -6.00 -14.55 22.17
N ALA A 389 -4.95 -14.17 21.44
CA ALA A 389 -3.59 -14.24 21.97
C ALA A 389 -2.80 -12.94 21.85
N PHE A 390 -3.51 -11.81 21.72
CA PHE A 390 -2.85 -10.52 21.60
C PHE A 390 -2.43 -9.97 22.96
N THR A 391 -3.13 -10.38 24.02
CA THR A 391 -2.83 -9.87 25.36
C THR A 391 -2.97 -10.92 26.46
N ALA A 392 -2.95 -10.47 27.71
CA ALA A 392 -3.08 -11.34 28.88
C ALA A 392 -4.54 -11.43 29.35
#